data_4DII
#
_entry.id   4DII
#
_cell.length_a   43.369
_cell.length_b   45.299
_cell.length_c   51.519
_cell.angle_alpha   68.97
_cell.angle_beta   86.11
_cell.angle_gamma   69.66
#
_symmetry.space_group_name_H-M   'P 1'
#
loop_
_entity.id
_entity.type
_entity.pdbx_description
1 polymer Prothrombin
2 polymer Prothrombin
3 polymer 'Thrombin binding aptamer'
4 non-polymer 'ZINC ION'
5 non-polymer D-phenylalanyl-N-[(2S,3S)-6-{[amino(iminio)methyl]amino}-1-chloro-2-hydroxyhexan-3-yl]-L-prolinamide
6 non-polymer 2-acetamido-2-deoxy-beta-D-glucopyranose
7 non-polymer 'SODIUM ION'
8 non-polymer 'CHLORIDE ION'
9 non-polymer 'POTASSIUM ION'
10 water water
#
loop_
_entity_poly.entity_id
_entity_poly.type
_entity_poly.pdbx_seq_one_letter_code
_entity_poly.pdbx_strand_id
1 'polypeptide(L)' TFGSGEADCGLRPLFEKKSLEDKTERELLESYIDGR L
2 'polypeptide(L)'
;IVEGSDAEIGMSPWQVMLFRKSPQELLCGASLISDRWVLTAAHCLLYPPWDKNFTENDLLVRIGKHSRTRYERNIEKISM
LEKIYIHPRYNWRENLDRDIALMKLKKPVAFSDYIHPVCLPDRETAASLLQAGYKGRVTGWGNLKETWTANVGKGQPSVL
QVVNLPIVERPVCKDSTRIRITDNMFCAGYKPDEGKRGDACEGDSGGPFVMKSPFNNRWYQMGIVSWGEGCDRDGKYGFY
THVFRLKKWIQKVIDQFGE
;
H
3 'polydeoxyribonucleotide' (DG)(DG)(DT)(DT)(DG)(DG)(DT)(DG)(DT)(DG)(DG)(DT)(DT)(DG)(DG) D
#
loop_
_chem_comp.id
_chem_comp.type
_chem_comp.name
_chem_comp.formula
0G6 peptide-like D-phenylalanyl-N-[(2S,3S)-6-{[amino(iminio)methyl]amino}-1-chloro-2-hydroxyhexan-3-yl]-L-prolinamide 'C21 H34 Cl N6 O3 1'
CL non-polymer 'CHLORIDE ION' 'Cl -1'
DG DNA linking 2'-DEOXYGUANOSINE-5'-MONOPHOSPHATE 'C10 H14 N5 O7 P'
DT DNA linking THYMIDINE-5'-MONOPHOSPHATE 'C10 H15 N2 O8 P'
K non-polymer 'POTASSIUM ION' 'K 1'
NA non-polymer 'SODIUM ION' 'Na 1'
NAG D-saccharide, beta linking 2-acetamido-2-deoxy-beta-D-glucopyranose 'C8 H15 N O6'
ZN non-polymer 'ZINC ION' 'Zn 2'
#
# COMPACT_ATOMS: atom_id res chain seq x y z
N ALA A 7 -16.95 -1.42 11.55
CA ALA A 7 -16.95 -0.33 10.50
C ALA A 7 -17.14 -0.89 9.07
N ASP A 8 -17.44 0.00 8.13
CA ASP A 8 -17.63 -0.45 6.75
C ASP A 8 -16.25 -0.37 6.05
N CYS A 9 -15.46 -1.44 6.18
CA CYS A 9 -14.12 -1.50 5.57
C CYS A 9 -13.78 -2.92 5.23
N GLY A 10 -12.87 -3.07 4.26
CA GLY A 10 -12.39 -4.39 3.94
C GLY A 10 -13.30 -5.37 3.23
N LEU A 11 -14.53 -4.93 2.91
CA LEU A 11 -15.45 -5.79 2.17
C LEU A 11 -15.72 -5.14 0.82
N ARG A 12 -15.40 -5.82 -0.24
CA ARG A 12 -15.60 -5.25 -1.58
C ARG A 12 -16.96 -5.55 -2.16
N PRO A 13 -17.68 -4.50 -2.62
CA PRO A 13 -19.01 -4.63 -3.23
C PRO A 13 -19.10 -5.67 -4.37
N LEU A 14 -18.07 -5.71 -5.21
CA LEU A 14 -18.09 -6.62 -6.32
C LEU A 14 -17.54 -7.99 -5.99
N PHE A 15 -17.06 -8.21 -4.76
CA PHE A 15 -16.57 -9.56 -4.43
C PHE A 15 -17.22 -10.15 -3.18
N GLU A 16 -16.72 -9.78 -2.00
CA GLU A 16 -17.27 -10.33 -0.79
C GLU A 16 -18.78 -10.10 -0.68
N LYS A 17 -19.27 -8.93 -1.05
CA LYS A 17 -20.73 -8.74 -0.94
C LYS A 17 -21.58 -9.57 -1.89
N LYS A 18 -20.97 -10.12 -2.93
CA LYS A 18 -21.71 -10.93 -3.91
C LYS A 18 -21.32 -12.40 -3.82
N SER A 19 -20.53 -12.71 -2.80
CA SER A 19 -20.02 -14.04 -2.57
C SER A 19 -19.16 -14.55 -3.71
N LEU A 20 -18.34 -13.66 -4.28
CA LEU A 20 -17.44 -14.05 -5.36
C LEU A 20 -15.99 -13.87 -4.94
N GLU A 21 -15.14 -14.82 -5.33
CA GLU A 21 -13.69 -14.79 -5.05
C GLU A 21 -13.00 -14.10 -6.18
N ASP A 22 -11.91 -13.36 -5.93
CA ASP A 22 -11.20 -12.77 -7.07
C ASP A 22 -10.28 -13.92 -7.57
N LYS A 23 -9.53 -13.70 -8.63
CA LYS A 23 -8.72 -14.79 -9.16
C LYS A 23 -7.57 -15.34 -8.34
N THR A 24 -7.11 -14.67 -7.30
CA THR A 24 -5.95 -15.24 -6.63
C THR A 24 -5.98 -15.24 -5.12
N GLU A 25 -7.10 -14.82 -4.53
CA GLU A 25 -7.17 -14.78 -3.08
C GLU A 25 -7.00 -16.14 -2.40
N ARG A 26 -7.39 -17.18 -3.14
CA ARG A 26 -7.29 -18.57 -2.65
C ARG A 26 -5.84 -18.90 -2.23
N GLU A 27 -4.92 -18.37 -3.03
CA GLU A 27 -3.51 -18.53 -2.79
C GLU A 27 -3.11 -17.97 -1.40
N LEU A 28 -3.75 -16.86 -1.03
CA LEU A 28 -3.44 -16.23 0.27
C LEU A 28 -3.98 -17.12 1.38
N LEU A 29 -5.23 -17.49 1.23
CA LEU A 29 -5.93 -18.35 2.20
C LEU A 29 -5.13 -19.66 2.46
N GLU A 30 -4.64 -20.30 1.40
CA GLU A 30 -3.86 -21.54 1.55
C GLU A 30 -2.52 -21.34 2.28
N SER A 31 -1.88 -20.19 2.12
CA SER A 31 -0.64 -19.98 2.81
C SER A 31 -0.86 -20.00 4.33
N TYR A 32 -2.07 -19.77 4.82
CA TYR A 32 -2.26 -19.82 6.27
C TYR A 32 -2.18 -21.27 6.83
N ILE A 33 -2.43 -22.24 5.96
CA ILE A 33 -2.42 -23.65 6.35
C ILE A 33 -1.45 -24.53 5.55
N ILE B 1 5.25 -2.65 -10.11
CA ILE B 1 5.04 -4.06 -9.71
C ILE B 1 5.72 -5.00 -10.76
N VAL B 2 6.70 -5.77 -10.31
CA VAL B 2 7.44 -6.68 -11.21
C VAL B 2 6.82 -8.06 -11.13
N GLU B 3 6.49 -8.64 -12.28
CA GLU B 3 5.89 -9.96 -12.35
C GLU B 3 4.54 -10.16 -11.66
N GLY B 4 3.70 -9.14 -11.72
CA GLY B 4 2.35 -9.27 -11.18
C GLY B 4 1.42 -9.50 -12.36
N SER B 5 0.15 -9.19 -12.18
CA SER B 5 -0.81 -9.35 -13.24
C SER B 5 -1.84 -8.22 -13.14
N ASP B 6 -2.66 -8.11 -14.18
CA ASP B 6 -3.68 -7.09 -14.24
C ASP B 6 -4.75 -7.32 -13.19
N ALA B 7 -5.14 -6.23 -12.52
CA ALA B 7 -6.17 -6.31 -11.48
C ALA B 7 -7.58 -6.29 -12.09
N GLU B 8 -8.47 -7.19 -11.66
CA GLU B 8 -9.85 -7.17 -12.17
C GLU B 8 -10.50 -5.88 -11.62
N ILE B 9 -11.57 -5.41 -12.26
CA ILE B 9 -12.31 -4.21 -11.83
C ILE B 9 -12.93 -4.40 -10.43
N GLY B 10 -12.83 -3.39 -9.57
CA GLY B 10 -13.38 -3.49 -8.20
C GLY B 10 -12.63 -4.36 -7.21
N MET B 11 -11.50 -4.96 -7.63
CA MET B 11 -10.77 -5.85 -6.72
C MET B 11 -9.90 -5.19 -5.62
N SER B 12 -9.58 -3.89 -5.76
CA SER B 12 -8.77 -3.10 -4.80
C SER B 12 -9.45 -1.68 -4.76
N PRO B 13 -10.72 -1.62 -4.25
CA PRO B 13 -11.42 -0.31 -4.22
C PRO B 13 -10.88 0.79 -3.31
N TRP B 14 -9.97 0.42 -2.43
CA TRP B 14 -9.29 1.33 -1.54
C TRP B 14 -8.00 1.89 -2.20
N GLN B 15 -7.70 1.46 -3.46
CA GLN B 15 -6.47 1.99 -4.13
C GLN B 15 -6.60 3.51 -4.40
N VAL B 16 -5.54 4.28 -4.12
CA VAL B 16 -5.56 5.72 -4.35
C VAL B 16 -4.30 6.06 -5.15
N MET B 17 -4.41 7.00 -6.10
CA MET B 17 -3.22 7.38 -6.90
C MET B 17 -2.84 8.81 -6.48
N LEU B 18 -1.57 9.03 -6.18
CA LEU B 18 -1.15 10.36 -5.77
C LEU B 18 -0.49 11.10 -6.93
N PHE B 19 -1.07 12.25 -7.28
CA PHE B 19 -0.63 13.14 -8.38
C PHE B 19 -0.09 14.52 -8.02
N ARG B 20 0.97 14.90 -8.74
CA ARG B 20 1.54 16.23 -8.63
C ARG B 20 0.50 17.04 -9.45
N LYS B 21 -0.07 18.08 -8.84
CA LYS B 21 -1.09 18.93 -9.46
C LYS B 21 -0.62 19.64 -10.72
N SER B 22 0.50 20.34 -10.68
CA SER B 22 0.96 20.98 -11.93
C SER B 22 2.47 20.91 -12.16
N PRO B 23 2.90 20.24 -13.22
CA PRO B 23 2.05 19.55 -14.20
C PRO B 23 1.54 18.25 -13.62
N GLN B 24 0.47 17.72 -14.22
CA GLN B 24 -0.11 16.46 -13.80
C GLN B 24 0.97 15.43 -14.03
N GLU B 25 1.28 14.67 -12.97
CA GLU B 25 2.26 13.60 -12.98
C GLU B 25 1.92 12.59 -11.85
N LEU B 26 1.91 11.30 -12.19
CA LEU B 26 1.63 10.22 -11.25
C LEU B 26 2.87 9.97 -10.35
N LEU B 27 2.76 10.28 -9.08
CA LEU B 27 3.90 10.08 -8.16
C LEU B 27 4.01 8.75 -7.40
N CYS B 28 2.91 8.36 -6.78
CA CYS B 28 2.96 7.20 -5.89
C CYS B 28 1.60 6.58 -5.77
N GLY B 29 1.56 5.53 -4.98
CA GLY B 29 0.31 4.86 -4.64
C GLY B 29 -0.03 5.37 -3.24
N ALA B 30 -1.19 4.96 -2.74
CA ALA B 30 -1.75 5.33 -1.46
C ALA B 30 -2.99 4.44 -1.19
N SER B 31 -3.57 4.56 -0.01
CA SER B 31 -4.73 3.78 0.28
C SER B 31 -5.78 4.62 1.06
N LEU B 32 -7.03 4.25 0.88
CA LEU B 32 -8.18 4.95 1.48
C LEU B 32 -8.53 4.26 2.79
N ILE B 33 -8.44 4.93 3.93
CA ILE B 33 -8.77 4.27 5.16
C ILE B 33 -10.09 4.76 5.77
N SER B 34 -10.65 5.83 5.21
CA SER B 34 -11.99 6.34 5.60
C SER B 34 -12.44 7.32 4.48
N ASP B 35 -13.64 7.88 4.58
CA ASP B 35 -14.06 8.73 3.52
C ASP B 35 -13.29 10.05 3.46
N ARG B 36 -12.46 10.33 4.47
CA ARG B 36 -11.74 11.58 4.43
C ARG B 36 -10.23 11.48 4.66
N TRP B 37 -9.75 10.26 4.93
CA TRP B 37 -8.33 10.06 5.17
C TRP B 37 -7.69 9.05 4.23
N VAL B 38 -6.49 9.39 3.75
CA VAL B 38 -5.69 8.54 2.83
C VAL B 38 -4.29 8.28 3.45
N LEU B 39 -3.85 7.05 3.38
CA LEU B 39 -2.55 6.64 3.92
C LEU B 39 -1.52 6.53 2.80
N THR B 40 -0.27 6.95 3.05
CA THR B 40 0.75 6.77 2.04
C THR B 40 2.13 6.67 2.70
N ALA B 41 3.19 6.60 1.90
CA ALA B 41 4.49 6.55 2.52
C ALA B 41 5.08 8.00 2.69
N ALA B 42 5.72 8.28 3.82
CA ALA B 42 6.34 9.61 4.00
C ALA B 42 7.29 10.02 2.84
N HIS B 43 8.15 9.11 2.33
CA HIS B 43 9.09 9.48 1.23
C HIS B 43 8.40 9.92 -0.05
N CYS B 44 7.10 9.68 -0.16
CA CYS B 44 6.38 10.14 -1.35
C CYS B 44 6.17 11.66 -1.23
N LEU B 45 6.17 12.19 -0.01
CA LEU B 45 5.92 13.62 0.21
C LEU B 45 7.15 14.41 0.59
N LEU B 46 8.02 13.77 1.36
CA LEU B 46 9.27 14.36 1.82
C LEU B 46 10.51 13.47 1.66
N TYR B 47 11.44 13.91 0.81
CA TYR B 47 12.69 13.19 0.65
C TYR B 47 13.74 14.16 0.06
N PRO B 48 14.41 14.93 0.93
CA PRO B 48 15.44 15.90 0.49
C PRO B 48 16.53 15.43 -0.49
N PRO B 49 16.99 14.17 -0.36
CA PRO B 49 18.04 13.71 -1.31
C PRO B 49 17.60 13.77 -2.77
N TRP B 50 16.30 13.74 -3.00
CA TRP B 50 15.74 13.86 -4.34
C TRP B 50 15.02 15.24 -4.48
N ASP B 51 15.36 16.20 -3.61
CA ASP B 51 14.79 17.54 -3.68
C ASP B 51 13.25 17.51 -3.59
N LYS B 52 12.74 16.59 -2.77
CA LYS B 52 11.29 16.42 -2.62
C LYS B 52 10.74 16.96 -1.26
N ASN B 53 9.78 17.87 -1.32
CA ASN B 53 9.17 18.42 -0.08
C ASN B 53 7.85 19.06 -0.48
N PHE B 54 6.78 18.28 -0.59
CA PHE B 54 5.48 18.80 -1.04
C PHE B 54 4.57 19.35 0.04
N THR B 55 3.71 20.30 -0.35
CA THR B 55 2.75 20.84 0.60
C THR B 55 1.39 20.43 0.00
N GLU B 56 0.32 20.59 0.76
CA GLU B 56 -1.04 20.24 0.34
C GLU B 56 -1.45 20.76 -1.04
N ASN B 57 -1.24 22.05 -1.24
CA ASN B 57 -1.56 22.71 -2.50
C ASN B 57 -0.90 22.13 -3.73
N ASP B 58 0.23 21.43 -3.56
CA ASP B 58 0.94 20.92 -4.74
C ASP B 58 0.44 19.57 -5.28
N LEU B 59 -0.56 18.98 -4.63
CA LEU B 59 -0.96 17.64 -5.02
C LEU B 59 -2.44 17.43 -5.10
N LEU B 60 -2.81 16.25 -5.57
CA LEU B 60 -4.18 15.85 -5.60
C LEU B 60 -4.22 14.34 -5.68
N VAL B 61 -5.37 13.80 -5.34
CA VAL B 61 -5.48 12.38 -5.40
C VAL B 61 -6.63 11.86 -6.31
N ARG B 62 -6.43 10.69 -6.94
CA ARG B 62 -7.50 10.11 -7.73
C ARG B 62 -7.93 8.74 -7.13
N ILE B 63 -9.24 8.53 -7.04
CA ILE B 63 -9.76 7.34 -6.40
C ILE B 63 -10.73 6.62 -7.31
N GLY B 64 -10.83 5.31 -7.18
CA GLY B 64 -11.72 4.54 -8.05
C GLY B 64 -11.29 4.64 -9.51
N LYS B 65 -9.97 4.75 -9.80
CA LYS B 65 -9.48 4.92 -11.21
C LYS B 65 -8.89 3.65 -11.81
N HIS B 66 -9.47 3.18 -12.91
CA HIS B 66 -9.03 1.90 -13.47
C HIS B 66 -8.06 2.01 -14.66
N SER B 67 -8.10 3.12 -15.38
CA SER B 67 -7.23 3.30 -16.54
C SER B 67 -6.29 4.46 -16.36
N ARG B 68 -5.02 4.27 -16.69
CA ARG B 68 -4.01 5.32 -16.59
C ARG B 68 -4.31 6.54 -17.46
N THR B 69 -4.85 6.30 -18.65
CA THR B 69 -5.13 7.37 -19.56
C THR B 69 -6.55 7.96 -19.61
N ARG B 70 -7.60 7.15 -19.75
CA ARG B 70 -8.88 7.83 -19.79
C ARG B 70 -9.57 8.03 -18.45
N TYR B 71 -10.26 9.16 -18.41
CA TYR B 71 -11.05 9.59 -17.28
C TYR B 71 -12.39 8.85 -17.41
N GLU B 72 -12.68 7.99 -16.44
CA GLU B 72 -13.93 7.23 -16.41
C GLU B 72 -14.95 8.05 -15.66
N ARG B 73 -15.68 8.84 -16.44
CA ARG B 73 -16.69 9.76 -15.96
C ARG B 73 -17.64 9.03 -15.04
N ASN B 74 -17.87 9.65 -13.87
CA ASN B 74 -18.78 9.12 -12.85
C ASN B 74 -18.32 7.83 -12.15
N ILE B 75 -17.08 7.43 -12.41
CA ILE B 75 -16.56 6.27 -11.72
C ILE B 75 -15.41 6.72 -10.84
N GLU B 76 -14.33 7.24 -11.43
CA GLU B 76 -13.22 7.76 -10.60
C GLU B 76 -13.72 9.09 -10.00
N LYS B 77 -13.07 9.50 -8.92
CA LYS B 77 -13.35 10.74 -8.19
C LYS B 77 -11.99 11.45 -7.91
N ILE B 78 -12.07 12.72 -7.55
CA ILE B 78 -10.87 13.47 -7.28
C ILE B 78 -11.03 14.32 -6.03
N SER B 79 -9.94 14.50 -5.31
CA SER B 79 -9.96 15.37 -4.17
C SER B 79 -8.64 16.06 -4.07
N MET B 80 -8.73 17.25 -3.51
CA MET B 80 -7.60 18.10 -3.25
C MET B 80 -7.34 17.78 -1.75
N LEU B 81 -6.15 18.16 -1.30
CA LEU B 81 -5.79 17.93 0.08
C LEU B 81 -5.95 19.15 1.00
N GLU B 82 -6.56 18.92 2.14
CA GLU B 82 -6.74 19.96 3.13
C GLU B 82 -5.45 20.03 3.97
N LYS B 83 -4.92 18.87 4.37
CA LYS B 83 -3.72 18.83 5.21
C LYS B 83 -2.94 17.53 5.12
N ILE B 84 -1.63 17.63 5.31
CA ILE B 84 -0.72 16.48 5.27
C ILE B 84 -0.06 16.31 6.60
N TYR B 85 0.07 15.07 7.11
CA TYR B 85 0.76 14.81 8.37
C TYR B 85 1.80 13.68 8.23
N ILE B 86 3.09 14.00 8.40
CA ILE B 86 4.18 13.01 8.30
C ILE B 86 4.58 12.60 9.68
N HIS B 87 4.94 11.32 9.87
CA HIS B 87 5.35 10.88 11.21
C HIS B 87 6.52 11.77 11.71
N PRO B 88 6.39 12.30 12.92
CA PRO B 88 7.46 13.15 13.45
C PRO B 88 8.83 12.51 13.54
N ARG B 89 8.90 11.20 13.73
CA ARG B 89 10.21 10.62 13.78
C ARG B 89 10.64 9.86 12.53
N TYR B 90 10.08 10.23 11.38
CA TYR B 90 10.40 9.63 10.08
C TYR B 90 11.88 9.91 9.80
N ASN B 91 12.66 8.85 9.60
CA ASN B 91 14.10 8.98 9.40
C ASN B 91 14.51 8.83 7.92
N TRP B 92 14.47 9.92 7.17
CA TRP B 92 14.89 9.86 5.76
C TRP B 92 16.39 9.86 5.59
N ARG B 93 17.15 10.27 6.63
CA ARG B 93 18.63 10.28 6.51
C ARG B 93 19.25 8.90 6.49
N GLU B 94 18.67 7.97 7.21
CA GLU B 94 19.34 6.68 7.22
C GLU B 94 18.68 5.47 6.58
N ASN B 95 17.47 5.15 7.01
CA ASN B 95 16.87 3.92 6.52
C ASN B 95 15.36 3.97 6.28
N LEU B 96 14.79 5.18 6.18
CA LEU B 96 13.34 5.36 6.00
C LEU B 96 12.54 4.77 7.18
N ASP B 97 13.15 4.75 8.36
CA ASP B 97 12.41 4.26 9.53
C ASP B 97 11.12 5.11 9.63
N ARG B 98 10.00 4.45 9.96
CA ARG B 98 8.66 5.08 10.03
C ARG B 98 8.28 5.83 8.72
N ASP B 99 8.30 5.11 7.60
CA ASP B 99 7.99 5.71 6.29
C ASP B 99 6.46 5.73 6.17
N ILE B 100 5.82 6.74 6.77
CA ILE B 100 4.37 6.78 6.79
C ILE B 100 3.87 8.23 6.91
N ALA B 101 2.75 8.53 6.22
CA ALA B 101 2.08 9.85 6.23
C ALA B 101 0.59 9.68 6.05
N LEU B 102 -0.20 10.60 6.65
CA LEU B 102 -1.64 10.64 6.46
C LEU B 102 -1.96 11.92 5.67
N MET B 103 -2.97 11.84 4.80
CA MET B 103 -3.45 12.98 4.00
C MET B 103 -4.96 13.14 4.22
N LYS B 104 -5.39 14.31 4.70
CA LYS B 104 -6.81 14.60 4.94
C LYS B 104 -7.42 15.29 3.70
N LEU B 105 -8.50 14.72 3.16
CA LEU B 105 -9.13 15.28 1.95
C LEU B 105 -10.04 16.46 2.27
N LYS B 106 -10.10 17.41 1.34
CA LYS B 106 -10.91 18.60 1.43
C LYS B 106 -12.37 18.22 1.46
N LYS B 107 -12.75 17.22 0.66
CA LYS B 107 -14.14 16.75 0.63
C LYS B 107 -14.22 15.24 0.70
N PRO B 108 -15.01 14.72 1.64
CA PRO B 108 -15.15 13.25 1.76
C PRO B 108 -15.62 12.64 0.45
N VAL B 109 -15.09 11.45 0.14
CA VAL B 109 -15.48 10.76 -1.10
C VAL B 109 -16.64 9.83 -0.76
N ALA B 110 -17.63 9.74 -1.63
CA ALA B 110 -18.75 8.83 -1.35
C ALA B 110 -18.29 7.38 -1.76
N PHE B 111 -18.64 6.35 -0.99
CA PHE B 111 -18.26 4.98 -1.34
C PHE B 111 -19.22 4.46 -2.43
N SER B 112 -18.71 3.55 -3.25
CA SER B 112 -19.44 2.96 -4.33
C SER B 112 -18.90 1.49 -4.60
N ASP B 113 -19.31 0.90 -5.71
CA ASP B 113 -18.81 -0.43 -6.07
C ASP B 113 -17.29 -0.37 -6.41
N TYR B 114 -16.79 0.82 -6.70
CA TYR B 114 -15.39 0.97 -7.07
C TYR B 114 -14.56 1.68 -6.06
N ILE B 115 -15.19 2.16 -4.99
CA ILE B 115 -14.48 2.93 -3.96
C ILE B 115 -14.97 2.54 -2.58
N HIS B 116 -14.05 2.06 -1.76
CA HIS B 116 -14.36 1.64 -0.39
C HIS B 116 -13.05 1.57 0.38
N PRO B 117 -13.10 1.79 1.71
CA PRO B 117 -11.89 1.75 2.55
C PRO B 117 -11.44 0.37 2.97
N VAL B 118 -10.14 0.24 3.13
CA VAL B 118 -9.58 -1.02 3.62
C VAL B 118 -9.50 -0.90 5.18
N CYS B 119 -9.49 -2.02 5.91
CA CYS B 119 -9.37 -1.95 7.36
C CYS B 119 -7.93 -1.83 7.87
N LEU B 120 -7.80 -1.19 9.03
CA LEU B 120 -6.50 -1.14 9.67
C LEU B 120 -6.51 -2.25 10.77
N PRO B 121 -5.36 -2.99 10.89
CA PRO B 121 -5.27 -4.07 11.90
C PRO B 121 -5.25 -3.60 13.37
N ASP B 122 -5.78 -4.46 14.25
CA ASP B 122 -5.74 -4.22 15.67
C ASP B 122 -4.78 -5.34 16.11
N ARG B 123 -4.49 -5.36 17.41
CA ARG B 123 -3.55 -6.30 17.97
C ARG B 123 -3.77 -7.80 17.75
N GLU B 124 -5.02 -8.27 17.84
CA GLU B 124 -5.23 -9.71 17.67
C GLU B 124 -5.11 -9.98 16.19
N THR B 125 -5.53 -9.01 15.39
CA THR B 125 -5.41 -9.21 13.96
C THR B 125 -3.92 -9.27 13.55
N ALA B 126 -3.11 -8.34 14.05
CA ALA B 126 -1.68 -8.33 13.70
C ALA B 126 -0.92 -9.58 14.15
N ALA B 127 -1.26 -10.04 15.37
CA ALA B 127 -0.63 -11.19 16.00
C ALA B 127 -0.90 -12.48 15.21
N SER B 128 -2.12 -12.69 14.76
CA SER B 128 -2.28 -13.93 14.03
C SER B 128 -1.89 -13.87 12.51
N LEU B 129 -1.95 -12.70 11.86
CA LEU B 129 -1.64 -12.66 10.42
C LEU B 129 -0.20 -12.36 10.02
N LEU B 130 0.48 -11.52 10.79
CA LEU B 130 1.86 -11.14 10.47
C LEU B 130 2.84 -12.24 10.91
N GLN B 131 3.00 -13.27 10.08
CA GLN B 131 3.85 -14.43 10.37
C GLN B 131 4.60 -14.89 9.12
N ALA B 132 5.88 -15.21 9.30
CA ALA B 132 6.72 -15.64 8.20
C ALA B 132 5.99 -16.77 7.49
N GLY B 133 5.91 -16.70 6.16
CA GLY B 133 5.25 -17.75 5.42
C GLY B 133 3.88 -17.38 4.91
N TYR B 134 3.10 -16.62 5.69
CA TYR B 134 1.75 -16.18 5.29
C TYR B 134 1.90 -15.21 4.11
N LYS B 135 1.00 -15.24 3.12
CA LYS B 135 1.17 -14.33 2.01
C LYS B 135 0.24 -13.11 2.08
N GLY B 136 0.72 -12.00 1.56
CA GLY B 136 -0.07 -10.76 1.51
C GLY B 136 -0.14 -10.35 0.03
N ARG B 137 -0.75 -9.20 -0.24
CA ARG B 137 -0.90 -8.77 -1.61
C ARG B 137 -0.51 -7.30 -1.77
N VAL B 138 0.23 -7.01 -2.84
CA VAL B 138 0.67 -5.62 -3.11
C VAL B 138 0.14 -5.19 -4.50
N THR B 139 -0.33 -3.96 -4.59
CA THR B 139 -0.85 -3.41 -5.84
C THR B 139 -0.24 -2.05 -6.23
N GLY B 140 -0.16 -1.75 -7.53
CA GLY B 140 0.41 -0.45 -7.87
C GLY B 140 0.60 -0.17 -9.37
N TRP B 141 0.89 1.09 -9.66
CA TRP B 141 1.06 1.56 -11.00
C TRP B 141 2.55 1.83 -11.31
N GLY B 142 3.44 1.33 -10.47
CA GLY B 142 4.86 1.50 -10.63
C GLY B 142 5.55 0.72 -11.75
N ASN B 143 6.88 0.89 -11.82
CA ASN B 143 7.67 0.24 -12.87
C ASN B 143 7.44 -1.22 -12.92
N LEU B 144 7.38 -1.72 -14.14
CA LEU B 144 7.19 -3.15 -14.38
C LEU B 144 8.50 -3.92 -14.28
N LYS B 145 9.61 -3.19 -14.25
CA LYS B 145 10.89 -3.85 -14.08
C LYS B 145 11.90 -2.83 -13.55
N GLU B 146 12.99 -3.34 -13.01
CA GLU B 146 14.06 -2.54 -12.44
C GLU B 146 14.61 -1.55 -13.47
N THR B 147 14.90 -0.32 -13.06
CA THR B 147 15.48 0.68 -13.99
C THR B 147 16.84 1.20 -13.49
N GLN B 156 5.72 1.22 -17.33
CA GLN B 156 4.50 1.90 -16.91
C GLN B 156 3.23 1.10 -17.36
N PRO B 157 2.51 0.45 -16.43
CA PRO B 157 1.33 -0.31 -16.88
C PRO B 157 0.13 0.56 -17.20
N SER B 158 -0.82 0.00 -17.97
CA SER B 158 -2.03 0.74 -18.30
C SER B 158 -3.18 0.39 -17.34
N VAL B 159 -3.05 -0.76 -16.69
CA VAL B 159 -4.02 -1.30 -15.75
C VAL B 159 -3.31 -1.54 -14.43
N LEU B 160 -3.95 -1.18 -13.29
CA LEU B 160 -3.36 -1.45 -11.95
C LEU B 160 -2.78 -2.90 -11.94
N GLN B 161 -1.60 -3.12 -11.35
CA GLN B 161 -0.96 -4.45 -11.31
C GLN B 161 -1.03 -5.00 -9.86
N VAL B 162 -1.09 -6.34 -9.75
CA VAL B 162 -1.22 -7.06 -8.48
C VAL B 162 -0.22 -8.23 -8.34
N VAL B 163 0.33 -8.42 -7.15
CA VAL B 163 1.25 -9.51 -6.90
C VAL B 163 1.06 -10.03 -5.47
N ASN B 164 1.05 -11.36 -5.29
CA ASN B 164 0.92 -11.97 -3.98
C ASN B 164 2.32 -12.45 -3.54
N LEU B 165 2.70 -12.13 -2.28
CA LEU B 165 4.04 -12.41 -1.75
C LEU B 165 4.04 -12.83 -0.29
N PRO B 166 4.97 -13.75 0.06
CA PRO B 166 5.05 -14.24 1.43
C PRO B 166 5.96 -13.39 2.31
N ILE B 167 5.50 -13.16 3.55
CA ILE B 167 6.25 -12.46 4.58
C ILE B 167 7.48 -13.35 4.92
N VAL B 168 8.62 -12.72 5.13
CA VAL B 168 9.88 -13.41 5.42
C VAL B 168 10.36 -13.27 6.88
N GLU B 169 11.07 -14.26 7.43
CA GLU B 169 11.54 -14.12 8.84
C GLU B 169 12.53 -13.00 8.94
N ARG B 170 12.43 -12.29 10.07
CA ARG B 170 13.28 -11.14 10.36
C ARG B 170 14.78 -11.38 10.26
N PRO B 171 15.28 -12.56 10.69
CA PRO B 171 16.72 -12.73 10.53
C PRO B 171 17.15 -12.77 9.08
N VAL B 172 16.31 -13.35 8.24
CA VAL B 172 16.62 -13.43 6.82
C VAL B 172 16.57 -12.01 6.21
N CYS B 173 15.50 -11.28 6.55
CA CYS B 173 15.32 -9.91 6.08
C CYS B 173 16.57 -9.14 6.43
N LYS B 174 17.00 -9.27 7.69
CA LYS B 174 18.18 -8.51 8.17
C LYS B 174 19.50 -8.91 7.51
N ASP B 175 19.70 -10.18 7.26
CA ASP B 175 20.96 -10.63 6.64
C ASP B 175 20.99 -10.31 5.17
N SER B 176 19.83 -10.03 4.55
CA SER B 176 19.81 -9.76 3.10
C SER B 176 20.25 -8.36 2.75
N THR B 177 20.60 -7.52 3.72
CA THR B 177 20.93 -6.11 3.36
C THR B 177 21.87 -5.47 4.39
N ARG B 178 22.57 -4.40 4.01
CA ARG B 178 23.40 -3.76 5.02
C ARG B 178 22.72 -2.52 5.60
N ILE B 179 21.50 -2.21 5.13
CA ILE B 179 20.74 -1.07 5.66
C ILE B 179 20.20 -1.59 7.04
N ARG B 180 20.28 -0.75 8.08
CA ARG B 180 19.77 -1.06 9.43
C ARG B 180 18.22 -1.26 9.41
N ILE B 181 17.77 -2.49 9.59
CA ILE B 181 16.32 -2.78 9.60
C ILE B 181 15.80 -2.42 11.01
N THR B 182 14.51 -2.13 11.19
CA THR B 182 13.97 -1.85 12.55
C THR B 182 12.64 -2.59 12.74
N ASP B 183 12.15 -2.59 13.97
CA ASP B 183 10.85 -3.18 14.27
C ASP B 183 9.69 -2.45 13.53
N ASN B 184 9.92 -1.26 12.94
CA ASN B 184 8.86 -0.57 12.20
C ASN B 184 8.80 -0.99 10.72
N MET B 185 9.51 -2.07 10.38
CA MET B 185 9.59 -2.57 9.03
C MET B 185 9.37 -4.09 9.00
N PHE B 186 8.89 -4.62 7.88
CA PHE B 186 8.87 -6.07 7.69
C PHE B 186 9.22 -6.27 6.18
N CYS B 187 9.75 -7.45 5.81
CA CYS B 187 10.09 -7.62 4.38
C CYS B 187 9.27 -8.80 3.84
N ALA B 188 9.10 -8.85 2.53
CA ALA B 188 8.33 -9.88 1.89
C ALA B 188 8.91 -10.24 0.53
N GLY B 189 8.64 -11.47 0.11
CA GLY B 189 9.12 -11.96 -1.19
C GLY B 189 9.62 -13.44 -1.14
N TYR B 190 9.83 -14.04 -2.30
CA TYR B 190 10.29 -15.42 -2.35
C TYR B 190 11.80 -15.55 -2.18
N LYS B 191 12.23 -16.69 -1.65
CA LYS B 191 13.64 -17.02 -1.41
C LYS B 191 14.32 -17.42 -2.71
N PRO B 192 15.66 -17.30 -2.77
CA PRO B 192 16.54 -17.62 -3.90
C PRO B 192 16.13 -18.67 -4.93
N ASP B 193 15.24 -19.59 -4.59
CA ASP B 193 14.72 -20.48 -5.65
C ASP B 193 13.42 -21.22 -5.26
N GLU B 194 12.58 -20.55 -4.48
CA GLU B 194 11.28 -21.12 -4.11
C GLU B 194 10.51 -21.20 -5.44
N GLY B 195 11.25 -21.12 -6.55
CA GLY B 195 10.64 -21.14 -7.88
C GLY B 195 9.94 -19.85 -8.35
N LYS B 196 9.16 -19.20 -7.48
CA LYS B 196 8.44 -18.00 -7.90
C LYS B 196 9.20 -16.70 -7.70
N ARG B 197 8.70 -15.62 -8.31
CA ARG B 197 9.31 -14.30 -8.16
C ARG B 197 8.20 -13.25 -7.96
N GLY B 198 8.60 -11.98 -7.94
CA GLY B 198 7.64 -10.92 -7.75
C GLY B 198 8.14 -9.92 -6.74
N ASP B 199 7.76 -8.66 -6.95
CA ASP B 199 8.20 -7.58 -6.07
C ASP B 199 7.46 -6.28 -6.43
N ALA B 200 7.54 -5.31 -5.53
CA ALA B 200 7.02 -3.96 -5.80
C ALA B 200 8.28 -3.34 -6.44
N CYS B 201 8.17 -2.10 -6.96
CA CYS B 201 9.33 -1.45 -7.58
C CYS B 201 9.16 0.08 -7.45
N GLU B 202 10.06 0.90 -8.00
CA GLU B 202 9.91 2.37 -7.87
C GLU B 202 8.60 2.87 -8.46
N GLY B 203 7.95 3.84 -7.78
CA GLY B 203 6.66 4.30 -8.24
C GLY B 203 5.55 3.55 -7.47
N ASP B 204 5.84 2.40 -6.88
CA ASP B 204 4.80 1.71 -6.09
C ASP B 204 4.76 2.16 -4.63
N SER B 205 5.75 2.94 -4.18
CA SER B 205 5.69 3.40 -2.78
C SER B 205 4.30 4.04 -2.40
N GLY B 206 3.84 3.75 -1.19
CA GLY B 206 2.57 4.31 -0.71
C GLY B 206 1.44 3.33 -0.86
N GLY B 207 1.64 2.40 -1.80
CA GLY B 207 0.60 1.42 -2.02
C GLY B 207 0.51 0.47 -0.86
N PRO B 208 -0.64 -0.20 -0.74
CA PRO B 208 -0.87 -1.17 0.37
C PRO B 208 -0.42 -2.60 0.16
N PHE B 209 0.03 -3.20 1.26
CA PHE B 209 0.37 -4.60 1.39
C PHE B 209 -0.82 -5.07 2.26
N VAL B 210 -1.75 -5.76 1.62
CA VAL B 210 -2.94 -6.24 2.36
C VAL B 210 -3.01 -7.76 2.55
N MET B 211 -3.84 -8.18 3.51
CA MET B 211 -4.05 -9.59 3.86
C MET B 211 -5.54 -9.82 4.11
N LYS B 212 -6.05 -10.96 3.67
CA LYS B 212 -7.48 -11.16 3.89
C LYS B 212 -7.58 -11.98 5.19
N SER B 213 -8.41 -11.52 6.12
CA SER B 213 -8.54 -12.23 7.40
C SER B 213 -9.36 -13.49 7.27
N PRO B 214 -8.82 -14.62 7.72
CA PRO B 214 -9.62 -15.84 7.61
C PRO B 214 -10.67 -15.94 8.73
N PHE B 215 -10.78 -14.92 9.60
CA PHE B 215 -11.77 -15.01 10.68
C PHE B 215 -13.02 -14.20 10.44
N ASN B 216 -12.92 -13.08 9.71
CA ASN B 216 -14.10 -12.27 9.41
C ASN B 216 -14.20 -11.89 7.88
N ASN B 217 -13.31 -12.46 7.06
CA ASN B 217 -13.34 -12.26 5.60
C ASN B 217 -13.04 -10.82 5.11
N ARG B 218 -12.49 -9.98 5.97
CA ARG B 218 -12.17 -8.60 5.59
C ARG B 218 -10.70 -8.44 5.26
N TRP B 219 -10.44 -7.46 4.41
CA TRP B 219 -9.08 -7.12 4.01
C TRP B 219 -8.49 -6.06 4.95
N TYR B 220 -7.26 -6.31 5.38
CA TYR B 220 -6.57 -5.45 6.29
C TYR B 220 -5.22 -5.00 5.73
N GLN B 221 -4.92 -3.72 5.90
CA GLN B 221 -3.64 -3.22 5.45
C GLN B 221 -2.58 -3.42 6.54
N MET B 222 -1.66 -4.39 6.31
CA MET B 222 -0.61 -4.68 7.25
C MET B 222 0.65 -3.84 6.94
N GLY B 223 0.82 -3.43 5.69
CA GLY B 223 2.00 -2.66 5.34
C GLY B 223 1.82 -1.60 4.25
N ILE B 224 2.83 -0.75 4.13
CA ILE B 224 2.93 0.27 3.08
C ILE B 224 4.27 0.04 2.27
N VAL B 225 4.20 -0.04 0.95
CA VAL B 225 5.42 -0.24 0.11
C VAL B 225 6.41 0.89 0.46
N SER B 226 7.61 0.53 0.90
CA SER B 226 8.53 1.51 1.38
C SER B 226 9.83 1.59 0.59
N TRP B 227 10.57 0.49 0.50
CA TRP B 227 11.85 0.53 -0.23
C TRP B 227 12.39 -0.86 -0.63
N GLY B 228 13.52 -0.84 -1.35
CA GLY B 228 14.18 -2.10 -1.74
C GLY B 228 15.53 -1.73 -2.36
N GLU B 229 16.25 -2.72 -2.89
CA GLU B 229 17.52 -2.47 -3.58
C GLU B 229 17.36 -3.20 -4.95
N GLY B 230 17.12 -2.42 -5.98
CA GLY B 230 16.84 -3.00 -7.29
C GLY B 230 15.39 -3.48 -7.16
N CYS B 231 14.87 -4.21 -8.13
CA CYS B 231 13.49 -4.73 -7.97
C CYS B 231 13.54 -6.21 -8.38
N ASP B 232 12.90 -7.06 -7.59
CA ASP B 232 12.84 -8.50 -7.87
C ASP B 232 14.22 -9.21 -8.02
N ARG B 233 15.25 -8.79 -7.27
CA ARG B 233 16.56 -9.49 -7.35
C ARG B 233 16.63 -10.76 -6.52
N ASP B 234 17.39 -11.72 -7.03
CA ASP B 234 17.60 -13.02 -6.35
C ASP B 234 18.24 -12.81 -4.98
N GLY B 235 17.57 -13.25 -3.90
CA GLY B 235 18.13 -13.06 -2.58
C GLY B 235 17.89 -11.67 -1.96
N LYS B 236 17.09 -10.81 -2.62
CA LYS B 236 16.77 -9.49 -2.05
C LYS B 236 15.28 -9.60 -1.73
N TYR B 237 14.77 -8.70 -0.88
CA TYR B 237 13.36 -8.70 -0.48
C TYR B 237 12.80 -7.28 -0.46
N GLY B 238 11.54 -7.14 -0.80
CA GLY B 238 10.95 -5.80 -0.72
C GLY B 238 10.68 -5.46 0.75
N PHE B 239 10.87 -4.19 1.16
CA PHE B 239 10.57 -3.73 2.55
C PHE B 239 9.29 -2.87 2.66
N TYR B 240 8.59 -3.03 3.76
CA TYR B 240 7.31 -2.39 3.96
C TYR B 240 7.17 -1.76 5.34
N THR B 241 6.55 -0.59 5.42
CA THR B 241 6.29 0.02 6.72
C THR B 241 5.29 -0.85 7.48
N HIS B 242 5.55 -1.08 8.77
CA HIS B 242 4.72 -1.93 9.65
C HIS B 242 3.53 -1.09 10.18
N VAL B 243 2.39 -1.16 9.51
CA VAL B 243 1.25 -0.36 9.93
C VAL B 243 0.86 -0.54 11.40
N PHE B 244 0.60 -1.78 11.85
CA PHE B 244 0.18 -1.93 13.25
C PHE B 244 1.17 -1.28 14.23
N ARG B 245 2.47 -1.52 14.04
CA ARG B 245 3.47 -0.89 14.93
C ARG B 245 3.34 0.64 15.08
N LEU B 246 2.78 1.30 14.08
CA LEU B 246 2.61 2.74 14.12
C LEU B 246 1.13 3.16 14.25
N LYS B 247 0.29 2.23 14.64
CA LYS B 247 -1.16 2.47 14.74
C LYS B 247 -1.55 3.57 15.78
N LYS B 248 -0.84 3.63 16.89
CA LYS B 248 -1.18 4.63 17.89
C LYS B 248 -1.02 6.04 17.28
N TRP B 249 0.05 6.24 16.52
CA TRP B 249 0.29 7.54 15.90
C TRP B 249 -0.84 7.85 14.89
N ILE B 250 -1.22 6.84 14.09
CA ILE B 250 -2.28 7.00 13.12
C ILE B 250 -3.62 7.46 13.81
N GLN B 251 -3.99 6.70 14.82
CA GLN B 251 -5.24 6.97 15.54
C GLN B 251 -5.27 8.34 16.20
N LYS B 252 -4.16 8.77 16.78
CA LYS B 252 -4.11 10.06 17.44
C LYS B 252 -4.29 11.22 16.42
N VAL B 253 -3.72 11.07 15.24
CA VAL B 253 -3.83 12.12 14.23
C VAL B 253 -5.28 12.28 13.77
N ILE B 254 -5.91 11.13 13.45
CA ILE B 254 -7.30 11.06 12.97
C ILE B 254 -8.24 11.64 14.03
N ASP B 255 -8.01 11.19 15.26
CA ASP B 255 -8.80 11.59 16.43
C ASP B 255 -8.71 13.09 16.69
N GLN B 256 -7.49 13.62 16.67
CA GLN B 256 -7.29 15.03 16.89
C GLN B 256 -7.59 15.96 15.71
N PHE B 257 -7.25 15.57 14.49
CA PHE B 257 -7.51 16.46 13.36
C PHE B 257 -8.61 16.02 12.43
N GLY B 258 -9.33 14.98 12.82
CA GLY B 258 -10.39 14.48 11.97
C GLY B 258 -11.70 15.26 12.08
ZN ZN D . -20.18 0.32 2.04
N 0G6 E . 16.43 1.89 -3.52
CA 0G6 E . 16.60 2.90 -2.49
C 0G6 E . 15.04 2.89 -2.16
O 0G6 E . 14.12 2.09 -1.99
CB 0G6 E . 17.22 2.26 -1.24
CG 0G6 E . 17.31 3.21 -0.06
CD1 0G6 E . 16.62 2.92 1.08
CD2 0G6 E . 18.11 4.34 -0.14
CE1 0G6 E . 16.72 3.74 2.18
CE2 0G6 E . 18.21 5.17 0.96
CZ 0G6 E . 17.52 4.88 2.13
N1 0G6 E . 14.57 4.01 -1.87
CA1 0G6 E . 13.16 4.37 -1.61
C1 0G6 E . 12.29 4.08 -2.83
O1 0G6 E . 12.75 4.19 -3.96
CB1 0G6 E . 13.17 5.89 -1.41
CG1 0G6 E . 14.63 6.21 -1.13
CD 0G6 E . 15.36 5.23 -2.06
N2 0G6 E . 11.05 3.69 -2.57
CA2 0G6 E . 10.08 3.43 -3.65
C2 0G6 E . 8.89 4.39 -3.64
O2 0G6 E . 8.07 4.33 -4.80
CB2 0G6 E . 9.56 1.97 -3.56
CG2 0G6 E . 10.63 0.94 -3.93
CD3 0G6 E . 10.18 -0.49 -3.66
NE 0G6 E . 11.17 -1.43 -4.19
CZ1 0G6 E . 11.14 -2.76 -4.04
NH1 0G6 E . 12.06 -3.52 -4.63
NH2 0G6 E . 10.18 -3.35 -3.34
C3 0G6 E . 9.28 5.80 -3.17
C1 NAG F . 9.77 21.47 3.82
C2 NAG F . 10.77 21.58 4.98
C3 NAG F . 10.04 22.29 6.16
C4 NAG F . 9.62 23.69 5.68
C5 NAG F . 8.66 23.49 4.49
C6 NAG F . 8.12 24.77 3.88
C7 NAG F . 12.54 19.91 5.19
C8 NAG F . 13.26 20.30 3.89
N2 NAG F . 11.25 20.25 5.35
O3 NAG F . 10.87 22.40 7.32
O4 NAG F . 9.01 24.41 6.75
O5 NAG F . 9.32 22.77 3.42
O6 NAG F . 7.47 24.50 2.65
O7 NAG F . 13.16 19.25 6.05
NA NA G . 13.60 -10.70 -4.70
ZN ZN H . 14.39 22.37 -5.45
CL CL I . 13.37 24.64 -7.40
CL CL J . 11.76 22.25 -4.39
K K K . -18.77 8.88 -24.19
#